data_5JDW
#
_entry.id   5JDW
#
_cell.length_a   83.690
_cell.length_b   83.690
_cell.length_c   200.530
_cell.angle_alpha   90.00
_cell.angle_beta   90.00
_cell.angle_gamma   90.00
#
_symmetry.space_group_name_H-M   'P 43 21 2'
#
loop_
_entity.id
_entity.type
_entity.pdbx_description
1 polymer 'PROTEIN (L-ARGININE:GLYCINE AMIDINOTRANSFERASE)'
2 non-polymer GLYCINE
3 water water
#
_entity_poly.entity_id   1
_entity_poly.type   'polypeptide(L)'
_entity_poly.pdbx_seq_one_letter_code
;STQAATASSRNSCAADDKATEPLPKDCPVSSYNEWDPLEEVIVGRAENACVPPFTIEVKANTYEKYWPFYQKQGGHYFPK
DHLKKAVAEIEEMCNILKTEGVTVRRPDPIDWSLKYKTPDFESTGLYSAMPRDILIVVGNEIIEAPMAWRSRFFEYRAYR
SIIKDYFHRGAKWTTAPKPTMADELYNQDYPIHSVEDRHKLAAQGKFVTTEFEPCFDAADFIRAGRDIFAQRSQVTNYLG
IEWMRRHLAPDYRVHIISFKDPNPMHIDATFNIIGPGIVLSNPDRPCHQIDLFKKAGWTIITPPTPIIPDDHPLWMSSKW
LSMNVLMLDEKRVMVDANEVPIQKMFEKLGITTIKVNIRNANSLGGGFHCWTCDVRRRGTLQSYLD
;
_entity_poly.pdbx_strand_id   A
#
# COMPACT_ATOMS: atom_id res chain seq x y z
N CYS A 27 14.34 21.44 0.74
CA CYS A 27 13.90 20.24 1.52
C CYS A 27 13.61 19.16 0.50
N PRO A 28 14.25 18.00 0.67
CA PRO A 28 14.05 16.88 -0.26
C PRO A 28 12.65 16.30 -0.27
N VAL A 29 11.94 16.40 0.84
CA VAL A 29 10.60 15.85 0.93
C VAL A 29 9.55 16.88 0.59
N SER A 30 8.66 16.53 -0.34
CA SER A 30 7.58 17.41 -0.75
C SER A 30 6.65 16.70 -1.75
N SER A 31 5.51 16.21 -1.27
CA SER A 31 4.57 15.52 -2.14
C SER A 31 3.17 15.69 -1.57
N TYR A 32 2.28 16.33 -2.32
CA TYR A 32 0.92 16.55 -1.83
C TYR A 32 -0.12 15.65 -2.41
N ASN A 33 0.23 14.90 -3.45
CA ASN A 33 -0.73 14.01 -4.12
C ASN A 33 -0.02 12.91 -4.87
N GLU A 34 -0.80 12.12 -5.62
CA GLU A 34 -0.29 10.97 -6.38
C GLU A 34 0.12 11.19 -7.87
N TRP A 35 0.01 12.41 -8.41
CA TRP A 35 0.29 12.66 -9.83
C TRP A 35 1.26 13.79 -10.26
N ASP A 36 1.61 14.71 -9.37
CA ASP A 36 2.51 15.78 -9.77
C ASP A 36 3.83 15.18 -10.24
N PRO A 37 4.56 15.90 -11.09
CA PRO A 37 5.85 15.44 -11.63
C PRO A 37 6.76 14.83 -10.58
N LEU A 38 6.92 13.52 -10.66
CA LEU A 38 7.76 12.77 -9.73
C LEU A 38 9.24 13.08 -9.90
N GLU A 39 9.92 13.37 -8.78
CA GLU A 39 11.35 13.67 -8.79
C GLU A 39 12.17 12.70 -7.92
N GLU A 40 11.57 12.18 -6.86
CA GLU A 40 12.29 11.24 -6.00
C GLU A 40 11.32 10.19 -5.46
N VAL A 41 11.80 8.95 -5.35
CA VAL A 41 10.97 7.86 -4.87
C VAL A 41 11.84 6.85 -4.13
N ILE A 42 11.19 6.04 -3.29
CA ILE A 42 11.85 5.00 -2.52
C ILE A 42 11.19 3.77 -3.12
N VAL A 43 12.00 2.79 -3.49
CA VAL A 43 11.54 1.54 -4.09
C VAL A 43 12.00 0.42 -3.17
N GLY A 44 11.06 -0.45 -2.82
CA GLY A 44 11.37 -1.56 -1.93
C GLY A 44 12.31 -2.64 -2.43
N ARG A 45 12.53 -3.63 -1.54
CA ARG A 45 13.41 -4.76 -1.78
C ARG A 45 12.66 -6.07 -1.57
N ALA A 46 13.01 -7.08 -2.36
CA ALA A 46 12.41 -8.41 -2.24
C ALA A 46 13.34 -9.32 -1.44
N GLU A 47 14.56 -8.86 -1.20
CA GLU A 47 15.55 -9.64 -0.47
C GLU A 47 15.18 -10.10 0.93
N ASN A 48 15.46 -11.38 1.19
CA ASN A 48 15.22 -12.02 2.48
C ASN A 48 13.79 -11.96 2.96
N ALA A 49 12.86 -11.74 2.02
CA ALA A 49 11.46 -11.69 2.36
C ALA A 49 11.20 -13.01 3.06
N CYS A 50 10.40 -12.94 4.13
CA CYS A 50 10.11 -14.09 4.96
C CYS A 50 8.60 -14.30 5.07
N VAL A 51 8.16 -15.56 5.05
CA VAL A 51 6.73 -15.87 5.15
C VAL A 51 6.31 -15.61 6.61
N PRO A 52 5.28 -14.77 6.80
CA PRO A 52 4.82 -14.46 8.17
C PRO A 52 4.19 -15.66 8.87
N PRO A 53 4.38 -15.77 10.20
CA PRO A 53 3.77 -16.91 10.90
C PRO A 53 2.26 -16.80 10.68
N PHE A 54 1.57 -17.94 10.67
CA PHE A 54 0.14 -17.93 10.42
C PHE A 54 -0.73 -17.60 11.64
N THR A 55 -0.90 -16.31 11.88
CA THR A 55 -1.70 -15.85 12.99
C THR A 55 -2.98 -15.28 12.43
N ILE A 56 -3.94 -14.99 13.32
CA ILE A 56 -5.26 -14.49 12.94
C ILE A 56 -5.29 -13.31 11.97
N GLU A 57 -4.41 -12.32 12.15
CA GLU A 57 -4.43 -11.18 11.25
C GLU A 57 -3.88 -11.51 9.84
N VAL A 58 -2.98 -12.49 9.76
CA VAL A 58 -2.44 -12.93 8.47
C VAL A 58 -3.59 -13.66 7.76
N LYS A 59 -4.27 -14.54 8.49
CA LYS A 59 -5.39 -15.27 7.96
C LYS A 59 -6.50 -14.37 7.40
N ALA A 60 -6.79 -13.29 8.11
CA ALA A 60 -7.84 -12.38 7.67
C ALA A 60 -7.45 -11.49 6.51
N ASN A 61 -6.20 -11.56 6.08
CA ASN A 61 -5.73 -10.70 5.00
C ASN A 61 -5.19 -11.44 3.78
N THR A 62 -5.55 -12.73 3.66
CA THR A 62 -5.09 -13.59 2.57
C THR A 62 -6.20 -14.55 2.09
N TYR A 63 -6.06 -15.05 0.85
CA TYR A 63 -7.02 -15.99 0.29
C TYR A 63 -6.80 -17.40 0.81
N GLU A 64 -7.91 -18.10 1.08
CA GLU A 64 -7.94 -19.48 1.59
C GLU A 64 -6.97 -20.41 0.89
N LYS A 65 -6.88 -20.24 -0.42
CA LYS A 65 -6.01 -21.02 -1.25
C LYS A 65 -4.59 -21.07 -0.70
N TYR A 66 -4.17 -19.98 -0.06
CA TYR A 66 -2.81 -19.89 0.48
C TYR A 66 -2.61 -20.20 1.96
N TRP A 67 -3.70 -20.41 2.70
CA TRP A 67 -3.60 -20.69 4.13
C TRP A 67 -2.66 -21.84 4.49
N PRO A 68 -2.72 -22.96 3.76
CA PRO A 68 -1.79 -24.06 4.09
C PRO A 68 -0.34 -23.72 3.74
N PHE A 69 -0.16 -22.75 2.85
CA PHE A 69 1.18 -22.31 2.47
C PHE A 69 1.76 -21.60 3.69
N TYR A 70 1.01 -20.67 4.27
CA TYR A 70 1.45 -19.93 5.45
C TYR A 70 1.65 -20.86 6.61
N GLN A 71 0.72 -21.79 6.75
CA GLN A 71 0.75 -22.80 7.80
C GLN A 71 2.04 -23.62 7.78
N LYS A 72 2.49 -24.02 6.59
CA LYS A 72 3.70 -24.81 6.47
C LYS A 72 4.99 -24.01 6.36
N GLN A 73 4.98 -22.94 5.58
CA GLN A 73 6.17 -22.12 5.35
C GLN A 73 6.47 -21.02 6.35
N GLY A 74 5.51 -20.72 7.21
CA GLY A 74 5.68 -19.67 8.19
C GLY A 74 7.04 -19.65 8.83
N GLY A 75 7.69 -18.48 8.85
CA GLY A 75 8.99 -18.37 9.46
C GLY A 75 10.17 -18.70 8.56
N HIS A 76 9.92 -19.22 7.37
CA HIS A 76 11.00 -19.53 6.42
C HIS A 76 10.90 -18.45 5.36
N TYR A 77 11.90 -18.40 4.48
CA TYR A 77 11.89 -17.42 3.40
C TYR A 77 10.91 -17.79 2.30
N PHE A 78 10.42 -16.79 1.59
CA PHE A 78 9.54 -17.05 0.45
C PHE A 78 10.48 -17.80 -0.52
N PRO A 79 9.92 -18.60 -1.44
CA PRO A 79 10.73 -19.35 -2.40
C PRO A 79 11.83 -18.51 -3.02
N LYS A 80 13.07 -18.85 -2.74
CA LYS A 80 14.20 -18.09 -3.26
C LYS A 80 14.34 -17.95 -4.77
N ASP A 81 13.87 -18.95 -5.51
CA ASP A 81 13.89 -18.93 -6.97
C ASP A 81 12.94 -17.83 -7.42
N HIS A 82 11.86 -17.66 -6.67
CA HIS A 82 10.87 -16.65 -6.97
C HIS A 82 11.40 -15.27 -6.58
N LEU A 83 12.09 -15.22 -5.44
CA LEU A 83 12.66 -13.96 -4.96
C LEU A 83 13.67 -13.42 -5.94
N LYS A 84 14.47 -14.33 -6.49
CA LYS A 84 15.52 -13.98 -7.44
C LYS A 84 14.95 -13.30 -8.70
N LYS A 85 13.81 -13.78 -9.17
CA LYS A 85 13.16 -13.17 -10.34
C LYS A 85 12.61 -11.79 -9.99
N ALA A 86 12.04 -11.64 -8.79
CA ALA A 86 11.51 -10.36 -8.33
C ALA A 86 12.62 -9.30 -8.20
N VAL A 87 13.76 -9.70 -7.65
CA VAL A 87 14.93 -8.81 -7.52
C VAL A 87 15.26 -8.22 -8.90
N ALA A 88 15.33 -9.10 -9.88
CA ALA A 88 15.64 -8.71 -11.26
C ALA A 88 14.61 -7.72 -11.83
N GLU A 89 13.32 -8.05 -11.70
CA GLU A 89 12.23 -7.20 -12.17
C GLU A 89 12.27 -5.80 -11.55
N ILE A 90 12.47 -5.75 -10.23
CA ILE A 90 12.53 -4.48 -9.52
C ILE A 90 13.77 -3.66 -9.91
N GLU A 91 14.90 -4.33 -10.17
CA GLU A 91 16.12 -3.61 -10.60
C GLU A 91 15.88 -2.91 -11.92
N GLU A 92 15.17 -3.59 -12.82
CA GLU A 92 14.84 -3.04 -14.11
C GLU A 92 13.92 -1.83 -13.91
N MET A 93 12.97 -1.97 -13.00
CA MET A 93 12.05 -0.87 -12.69
C MET A 93 12.85 0.33 -12.22
N CYS A 94 13.86 0.11 -11.38
CA CYS A 94 14.67 1.22 -10.91
C CYS A 94 15.41 1.85 -12.06
N ASN A 95 15.90 1.01 -12.98
CA ASN A 95 16.62 1.50 -14.17
C ASN A 95 15.69 2.42 -14.96
N ILE A 96 14.47 1.97 -15.19
CA ILE A 96 13.51 2.76 -15.94
C ILE A 96 13.17 4.10 -15.27
N LEU A 97 13.02 4.09 -13.95
CA LEU A 97 12.73 5.32 -13.21
C LEU A 97 13.87 6.31 -13.40
N LYS A 98 15.10 5.85 -13.25
CA LYS A 98 16.28 6.71 -13.41
C LYS A 98 16.32 7.27 -14.83
N THR A 99 15.88 6.49 -15.81
CA THR A 99 15.82 6.93 -17.20
C THR A 99 14.75 8.02 -17.31
N GLU A 100 13.64 7.85 -16.60
CA GLU A 100 12.59 8.84 -16.62
C GLU A 100 12.91 10.04 -15.74
N GLY A 101 14.16 10.14 -15.28
CA GLY A 101 14.60 11.26 -14.46
C GLY A 101 14.22 11.30 -12.98
N VAL A 102 13.92 10.15 -12.38
CA VAL A 102 13.54 10.08 -10.99
C VAL A 102 14.71 9.57 -10.15
N THR A 103 14.98 10.23 -9.02
CA THR A 103 16.03 9.80 -8.10
C THR A 103 15.48 8.63 -7.28
N VAL A 104 16.14 7.49 -7.31
CA VAL A 104 15.69 6.31 -6.58
C VAL A 104 16.52 6.01 -5.32
N ARG A 105 15.83 5.76 -4.20
CA ARG A 105 16.46 5.40 -2.93
C ARG A 105 15.91 4.01 -2.63
N ARG A 106 16.68 3.16 -1.96
CA ARG A 106 16.24 1.81 -1.64
C ARG A 106 16.47 1.56 -0.15
N PRO A 107 15.62 0.75 0.50
CA PRO A 107 15.86 0.50 1.92
C PRO A 107 17.12 -0.38 2.12
N ASP A 108 17.57 -0.50 3.38
CA ASP A 108 18.74 -1.30 3.70
C ASP A 108 18.38 -2.75 3.64
N PRO A 109 19.37 -3.60 3.31
CA PRO A 109 19.13 -5.03 3.23
C PRO A 109 19.10 -5.52 4.66
N ILE A 110 18.10 -6.33 4.98
CA ILE A 110 17.95 -6.84 6.32
C ILE A 110 17.48 -8.30 6.29
N ASP A 111 17.99 -9.11 7.20
CA ASP A 111 17.52 -10.49 7.27
C ASP A 111 16.23 -10.51 8.08
N TRP A 112 15.10 -10.69 7.41
CA TRP A 112 13.80 -10.72 8.06
C TRP A 112 13.44 -11.96 8.84
N SER A 113 14.34 -12.94 8.88
CA SER A 113 14.04 -14.18 9.60
C SER A 113 14.30 -14.08 11.09
N LEU A 114 15.01 -13.03 11.52
CA LEU A 114 15.33 -12.81 12.91
C LEU A 114 14.05 -12.82 13.71
N LYS A 115 14.06 -13.55 14.82
CA LYS A 115 12.92 -13.65 15.71
C LYS A 115 13.13 -12.66 16.84
N TYR A 116 12.21 -11.71 16.96
CA TYR A 116 12.30 -10.72 18.02
C TYR A 116 11.20 -11.00 19.04
N LYS A 117 11.29 -10.32 20.18
CA LYS A 117 10.35 -10.50 21.28
C LYS A 117 10.07 -9.21 22.03
N THR A 118 8.82 -8.82 22.11
CA THR A 118 8.46 -7.65 22.85
C THR A 118 7.78 -8.19 24.11
N PRO A 119 7.45 -7.32 25.09
CA PRO A 119 6.80 -7.89 26.27
C PRO A 119 5.40 -8.42 25.95
N ASP A 120 4.93 -8.18 24.74
CA ASP A 120 3.61 -8.61 24.36
C ASP A 120 3.52 -9.80 23.43
N PHE A 121 4.56 -10.04 22.65
CA PHE A 121 4.58 -11.14 21.69
C PHE A 121 5.97 -11.42 21.15
N GLU A 122 6.07 -12.49 20.40
CA GLU A 122 7.30 -12.92 19.79
C GLU A 122 6.98 -13.18 18.32
N SER A 123 7.86 -12.78 17.41
CA SER A 123 7.59 -13.05 16.00
C SER A 123 8.80 -12.91 15.13
N THR A 124 8.68 -13.43 13.91
CA THR A 124 9.72 -13.31 12.89
C THR A 124 9.18 -12.18 11.97
N GLY A 125 10.05 -11.58 11.15
CA GLY A 125 9.61 -10.48 10.31
C GLY A 125 9.05 -10.84 8.95
N LEU A 126 8.74 -9.83 8.13
CA LEU A 126 8.18 -10.00 6.79
C LEU A 126 9.18 -9.60 5.70
N TYR A 127 9.19 -8.32 5.29
CA TYR A 127 10.09 -7.81 4.24
C TYR A 127 10.02 -6.30 4.22
N SER A 128 10.72 -5.66 3.30
CA SER A 128 10.61 -4.22 3.16
C SER A 128 10.32 -3.99 1.68
N ALA A 129 9.41 -4.79 1.13
CA ALA A 129 9.08 -4.68 -0.28
C ALA A 129 8.16 -3.52 -0.59
N MET A 130 7.22 -3.26 0.30
CA MET A 130 6.23 -2.22 0.05
C MET A 130 6.42 -0.96 0.89
N PRO A 131 7.14 0.04 0.38
CA PRO A 131 7.31 1.25 1.18
C PRO A 131 5.98 1.96 1.39
N ARG A 132 5.03 1.79 0.47
CA ARG A 132 3.71 2.42 0.57
C ARG A 132 2.90 1.94 1.79
N ASP A 133 3.19 0.74 2.28
CA ASP A 133 2.50 0.17 3.44
C ASP A 133 2.91 0.84 4.73
N ILE A 134 4.14 1.35 4.78
CA ILE A 134 4.67 1.95 5.98
C ILE A 134 4.93 3.45 5.97
N LEU A 135 5.29 4.03 4.84
CA LEU A 135 5.57 5.47 4.79
C LEU A 135 4.57 6.22 3.95
N ILE A 136 4.19 7.41 4.40
CA ILE A 136 3.29 8.26 3.63
C ILE A 136 3.90 9.64 3.75
N VAL A 137 3.85 10.42 2.67
CA VAL A 137 4.38 11.76 2.68
C VAL A 137 3.26 12.78 2.49
N VAL A 138 3.13 13.67 3.46
CA VAL A 138 2.12 14.71 3.38
C VAL A 138 2.90 16.00 3.50
N GLY A 139 3.03 16.72 2.39
CA GLY A 139 3.77 17.97 2.39
C GLY A 139 5.25 17.73 2.58
N ASN A 140 5.84 18.39 3.58
CA ASN A 140 7.26 18.25 3.86
C ASN A 140 7.46 17.26 4.98
N GLU A 141 6.42 16.48 5.27
CA GLU A 141 6.48 15.54 6.35
C GLU A 141 6.38 14.08 5.97
N ILE A 142 7.33 13.29 6.47
CA ILE A 142 7.36 11.85 6.26
C ILE A 142 6.82 11.20 7.55
N ILE A 143 5.76 10.40 7.40
CA ILE A 143 5.10 9.72 8.51
C ILE A 143 5.26 8.19 8.41
N GLU A 144 5.73 7.56 9.49
CA GLU A 144 5.88 6.12 9.52
C GLU A 144 4.60 5.60 10.17
N ALA A 145 3.95 4.64 9.52
CA ALA A 145 2.72 4.07 10.05
C ALA A 145 3.09 3.10 11.17
N PRO A 146 2.14 2.81 12.10
CA PRO A 146 2.37 1.90 13.21
C PRO A 146 2.35 0.43 12.81
N MET A 147 1.54 0.11 11.80
CA MET A 147 1.32 -1.25 11.26
C MET A 147 0.35 -1.95 12.20
N ALA A 148 -0.15 -3.12 11.81
CA ALA A 148 -1.09 -3.88 12.61
C ALA A 148 -0.72 -5.34 12.67
N TRP A 149 0.31 -5.73 11.90
CA TRP A 149 0.79 -7.12 11.85
C TRP A 149 2.01 -7.27 12.74
N ARG A 150 2.02 -8.31 13.56
CA ARG A 150 3.15 -8.57 14.44
C ARG A 150 4.46 -8.78 13.67
N SER A 151 4.37 -9.41 12.50
CA SER A 151 5.56 -9.66 11.68
C SER A 151 6.10 -8.38 11.01
N ARG A 152 5.42 -7.26 11.21
CA ARG A 152 5.83 -6.01 10.60
C ARG A 152 6.12 -4.96 11.65
N PHE A 153 6.33 -5.40 12.89
CA PHE A 153 6.61 -4.49 14.00
C PHE A 153 7.90 -3.70 13.81
N PHE A 154 8.98 -4.37 13.43
CA PHE A 154 10.25 -3.69 13.28
C PHE A 154 10.61 -3.37 11.83
N GLU A 155 9.60 -3.27 10.98
CA GLU A 155 9.82 -2.99 9.57
C GLU A 155 10.47 -1.63 9.30
N TYR A 156 10.18 -0.64 10.15
CA TYR A 156 10.75 0.69 9.99
C TYR A 156 12.29 0.70 9.99
N ARG A 157 12.90 -0.30 10.60
CA ARG A 157 14.35 -0.39 10.67
C ARG A 157 15.03 -0.30 9.30
N ALA A 158 14.38 -0.81 8.25
CA ALA A 158 14.94 -0.79 6.89
C ALA A 158 14.99 0.60 6.24
N TYR A 159 14.10 1.50 6.67
CA TYR A 159 14.01 2.84 6.10
C TYR A 159 14.66 4.00 6.86
N ARG A 160 15.14 3.73 8.08
CA ARG A 160 15.74 4.77 8.90
C ARG A 160 16.96 5.51 8.34
N SER A 161 17.79 4.82 7.57
CA SER A 161 18.95 5.50 6.98
C SER A 161 18.46 6.60 6.06
N ILE A 162 17.49 6.28 5.22
CA ILE A 162 16.93 7.24 4.27
C ILE A 162 16.28 8.42 5.00
N ILE A 163 15.37 8.10 5.92
CA ILE A 163 14.64 9.10 6.68
C ILE A 163 15.53 10.04 7.47
N LYS A 164 16.56 9.51 8.13
CA LYS A 164 17.44 10.39 8.89
C LYS A 164 18.14 11.38 7.96
N ASP A 165 18.43 10.96 6.73
CA ASP A 165 19.07 11.81 5.74
C ASP A 165 18.14 12.94 5.35
N TYR A 166 16.87 12.63 5.13
CA TYR A 166 15.92 13.66 4.77
C TYR A 166 15.72 14.62 5.92
N PHE A 167 15.77 14.08 7.14
CA PHE A 167 15.61 14.87 8.37
C PHE A 167 16.77 15.84 8.49
N HIS A 168 17.98 15.33 8.29
CA HIS A 168 19.17 16.19 8.34
C HIS A 168 19.06 17.30 7.28
N ARG A 169 18.30 17.03 6.21
CA ARG A 169 18.13 17.99 5.14
C ARG A 169 16.89 18.85 5.25
N GLY A 170 16.26 18.87 6.42
CA GLY A 170 15.08 19.71 6.62
C GLY A 170 13.68 19.13 6.67
N ALA A 171 13.53 17.85 6.34
CA ALA A 171 12.19 17.28 6.34
C ALA A 171 11.64 17.07 7.76
N LYS A 172 10.31 17.06 7.89
CA LYS A 172 9.67 16.81 9.17
C LYS A 172 9.50 15.31 9.23
N TRP A 173 9.69 14.75 10.40
CA TRP A 173 9.62 13.32 10.57
C TRP A 173 8.70 12.97 11.73
N THR A 174 7.75 12.08 11.44
CA THR A 174 6.78 11.67 12.42
C THR A 174 6.56 10.17 12.42
N THR A 175 6.42 9.61 13.61
CA THR A 175 6.14 8.20 13.75
C THR A 175 4.86 8.17 14.54
N ALA A 176 3.82 7.60 13.95
CA ALA A 176 2.54 7.45 14.62
C ALA A 176 2.76 6.48 15.80
N PRO A 177 1.90 6.52 16.83
CA PRO A 177 2.08 5.62 17.98
C PRO A 177 2.14 4.13 17.69
N LYS A 178 3.31 3.55 17.93
CA LYS A 178 3.53 2.13 17.71
C LYS A 178 2.65 1.32 18.65
N PRO A 179 1.78 0.43 18.13
CA PRO A 179 0.90 -0.36 18.99
C PRO A 179 1.66 -1.40 19.83
N THR A 180 1.03 -1.89 20.89
CA THR A 180 1.67 -2.93 21.69
C THR A 180 1.45 -4.25 20.93
N MET A 181 0.34 -4.29 20.19
CA MET A 181 -0.06 -5.45 19.40
C MET A 181 -0.30 -6.65 20.33
N ALA A 182 -0.90 -6.36 21.48
CA ALA A 182 -1.25 -7.38 22.45
C ALA A 182 -2.50 -8.06 21.93
N ASP A 183 -2.82 -9.23 22.47
CA ASP A 183 -4.00 -9.99 22.06
C ASP A 183 -5.28 -9.19 21.99
N GLU A 184 -5.38 -8.17 22.83
CA GLU A 184 -6.58 -7.34 22.88
C GLU A 184 -6.82 -6.57 21.60
N LEU A 185 -5.81 -6.49 20.72
CA LEU A 185 -5.98 -5.76 19.47
C LEU A 185 -6.62 -6.65 18.41
N TYR A 186 -6.66 -7.95 18.65
CA TYR A 186 -7.19 -8.89 17.68
C TYR A 186 -8.36 -9.72 18.17
N ASN A 187 -9.31 -10.00 17.27
CA ASN A 187 -10.41 -10.88 17.60
C ASN A 187 -9.85 -12.24 17.25
N GLN A 188 -9.19 -12.90 18.20
CA GLN A 188 -8.58 -14.22 17.97
C GLN A 188 -9.58 -15.22 17.44
N ASP A 189 -10.86 -14.86 17.55
CA ASP A 189 -11.97 -15.72 17.12
C ASP A 189 -12.72 -15.19 15.89
N TYR A 190 -12.07 -14.36 15.09
CA TYR A 190 -12.70 -13.81 13.89
C TYR A 190 -13.21 -14.99 13.04
N PRO A 191 -14.54 -15.16 12.99
CA PRO A 191 -15.23 -16.23 12.27
C PRO A 191 -15.09 -16.17 10.76
N ILE A 192 -13.90 -16.40 10.27
CA ILE A 192 -13.68 -16.34 8.85
C ILE A 192 -13.20 -17.70 8.36
N HIS A 193 -13.90 -18.26 7.38
CA HIS A 193 -13.53 -19.56 6.83
C HIS A 193 -13.27 -19.44 5.34
N SER A 194 -13.63 -18.29 4.79
CA SER A 194 -13.44 -18.00 3.39
C SER A 194 -13.50 -16.49 3.26
N VAL A 195 -13.03 -15.99 2.13
CA VAL A 195 -13.06 -14.56 1.84
C VAL A 195 -14.52 -14.11 1.75
N GLU A 196 -15.43 -15.06 1.54
CA GLU A 196 -16.86 -14.75 1.46
C GLU A 196 -17.41 -14.35 2.84
N ASP A 197 -16.94 -15.05 3.88
CA ASP A 197 -17.33 -14.78 5.26
C ASP A 197 -16.82 -13.39 5.66
N ARG A 198 -15.53 -13.16 5.39
CA ARG A 198 -14.87 -11.90 5.69
C ARG A 198 -15.59 -10.69 5.08
N HIS A 199 -16.09 -10.85 3.85
CA HIS A 199 -16.81 -9.76 3.19
C HIS A 199 -18.08 -9.42 3.92
N LYS A 200 -18.71 -10.47 4.44
CA LYS A 200 -19.96 -10.32 5.17
C LYS A 200 -19.72 -9.62 6.50
N LEU A 201 -18.69 -10.05 7.21
CA LEU A 201 -18.31 -9.49 8.49
C LEU A 201 -17.93 -8.02 8.33
N ALA A 202 -17.11 -7.75 7.33
CA ALA A 202 -16.66 -6.40 7.04
C ALA A 202 -17.86 -5.50 6.85
N ALA A 203 -18.89 -6.05 6.23
CA ALA A 203 -20.13 -5.32 5.98
C ALA A 203 -20.83 -4.99 7.29
N GLN A 204 -20.71 -5.93 8.24
CA GLN A 204 -21.31 -5.77 9.55
C GLN A 204 -20.49 -4.83 10.42
N GLY A 205 -19.32 -4.43 9.92
CA GLY A 205 -18.46 -3.52 10.65
C GLY A 205 -17.52 -4.27 11.57
N LYS A 206 -17.38 -5.57 11.33
CA LYS A 206 -16.54 -6.41 12.15
C LYS A 206 -15.24 -6.76 11.44
N PHE A 207 -14.12 -6.39 12.05
CA PHE A 207 -12.81 -6.67 11.49
C PHE A 207 -11.97 -7.47 12.46
N VAL A 208 -10.82 -7.96 12.01
CA VAL A 208 -9.96 -8.77 12.86
C VAL A 208 -9.29 -7.91 13.91
N THR A 209 -9.23 -6.59 13.69
CA THR A 209 -8.63 -5.68 14.65
C THR A 209 -9.71 -4.92 15.40
N THR A 210 -9.51 -4.85 16.70
CA THR A 210 -10.42 -4.16 17.59
C THR A 210 -10.02 -2.70 17.62
N GLU A 211 -10.68 -1.94 18.47
CA GLU A 211 -10.38 -0.53 18.62
C GLU A 211 -9.60 -0.36 19.92
N PHE A 212 -8.81 -1.37 20.28
CA PHE A 212 -8.04 -1.35 21.50
C PHE A 212 -6.96 -0.27 21.57
N GLU A 213 -6.34 0.04 20.44
CA GLU A 213 -5.30 1.07 20.35
C GLU A 213 -5.16 1.46 18.88
N PRO A 214 -4.56 2.63 18.59
CA PRO A 214 -4.44 2.98 17.16
C PRO A 214 -3.51 2.04 16.38
N CYS A 215 -3.91 1.74 15.14
CA CYS A 215 -3.11 0.90 14.25
C CYS A 215 -3.56 1.20 12.84
N PHE A 216 -2.64 1.13 11.89
CA PHE A 216 -2.95 1.37 10.50
C PHE A 216 -1.76 1.16 9.58
N ASP A 217 -2.05 0.97 8.29
CA ASP A 217 -1.04 0.83 7.23
C ASP A 217 -1.20 2.12 6.44
N ALA A 218 -0.09 2.75 6.08
CA ALA A 218 -0.17 4.00 5.33
C ALA A 218 -0.91 3.85 4.01
N ALA A 219 -0.89 2.63 3.47
CA ALA A 219 -1.54 2.33 2.18
C ALA A 219 -3.08 2.37 2.16
N ASP A 220 -3.69 2.55 3.33
CA ASP A 220 -5.15 2.65 3.43
C ASP A 220 -5.54 4.12 3.28
N PHE A 221 -4.55 4.98 3.08
CA PHE A 221 -4.77 6.42 2.86
C PHE A 221 -4.28 6.76 1.44
N ILE A 222 -5.03 7.57 0.70
CA ILE A 222 -4.63 7.97 -0.65
C ILE A 222 -4.76 9.49 -0.72
N ARG A 223 -3.73 10.17 -1.19
CA ARG A 223 -3.70 11.62 -1.20
C ARG A 223 -4.18 12.40 -2.41
N ALA A 224 -4.92 13.48 -2.16
CA ALA A 224 -5.42 14.38 -3.20
C ALA A 224 -5.30 15.84 -2.75
N GLY A 225 -4.09 16.25 -2.34
CA GLY A 225 -3.90 17.63 -1.91
C GLY A 225 -4.43 17.87 -0.50
N ARG A 226 -5.43 18.73 -0.36
CA ARG A 226 -5.99 19.04 0.97
C ARG A 226 -6.90 17.99 1.54
N ASP A 227 -7.27 17.01 0.73
CA ASP A 227 -8.16 15.95 1.15
C ASP A 227 -7.47 14.61 1.00
N ILE A 228 -7.53 13.80 2.04
CA ILE A 228 -6.92 12.48 2.05
C ILE A 228 -8.10 11.56 2.29
N PHE A 229 -8.07 10.38 1.67
CA PHE A 229 -9.15 9.44 1.82
C PHE A 229 -8.63 8.17 2.43
N ALA A 230 -9.42 7.59 3.33
CA ALA A 230 -9.01 6.38 4.03
C ALA A 230 -10.18 5.45 4.18
N GLN A 231 -9.89 4.20 4.52
CA GLN A 231 -10.91 3.21 4.75
C GLN A 231 -10.57 2.43 6.03
N ARG A 232 -11.60 2.15 6.83
CA ARG A 232 -11.39 1.34 8.01
C ARG A 232 -11.22 -0.03 7.35
N SER A 233 -10.10 -0.69 7.59
CA SER A 233 -9.86 -2.01 6.98
C SER A 233 -9.46 -3.03 8.04
N GLN A 234 -9.01 -4.22 7.62
CA GLN A 234 -8.62 -5.23 8.58
C GLN A 234 -7.39 -4.77 9.39
N VAL A 235 -6.58 -3.87 8.82
CA VAL A 235 -5.38 -3.39 9.52
C VAL A 235 -5.40 -1.92 9.95
N THR A 236 -6.41 -1.17 9.52
CA THR A 236 -6.53 0.23 9.85
C THR A 236 -7.86 0.44 10.55
N ASN A 237 -7.80 0.80 11.85
CA ASN A 237 -9.03 1.01 12.61
C ASN A 237 -9.42 2.46 12.74
N TYR A 238 -10.59 2.70 13.32
CA TYR A 238 -11.07 4.06 13.48
C TYR A 238 -10.18 4.94 14.34
N LEU A 239 -9.56 4.34 15.35
CA LEU A 239 -8.67 5.06 16.21
C LEU A 239 -7.45 5.52 15.41
N GLY A 240 -6.97 4.66 14.51
CA GLY A 240 -5.81 4.97 13.67
C GLY A 240 -6.10 6.12 12.72
N ILE A 241 -7.30 6.08 12.11
CA ILE A 241 -7.71 7.13 11.19
C ILE A 241 -7.87 8.45 11.97
N GLU A 242 -8.45 8.37 13.17
CA GLU A 242 -8.66 9.54 14.02
C GLU A 242 -7.34 10.18 14.38
N TRP A 243 -6.34 9.36 14.70
CA TRP A 243 -5.02 9.87 15.01
C TRP A 243 -4.50 10.67 13.81
N MET A 244 -4.63 10.11 12.59
CA MET A 244 -4.21 10.81 11.37
C MET A 244 -4.97 12.10 11.21
N ARG A 245 -6.30 12.01 11.34
CA ARG A 245 -7.14 13.18 11.21
C ARG A 245 -6.75 14.26 12.21
N ARG A 246 -6.58 13.87 13.47
CA ARG A 246 -6.26 14.85 14.50
C ARG A 246 -4.87 15.42 14.32
N HIS A 247 -3.97 14.59 13.83
CA HIS A 247 -2.60 15.00 13.59
C HIS A 247 -2.43 15.97 12.42
N LEU A 248 -3.20 15.78 11.36
CA LEU A 248 -3.05 16.60 10.15
C LEU A 248 -3.93 17.84 10.06
N ALA A 249 -4.98 17.87 10.86
CA ALA A 249 -5.88 19.02 10.88
C ALA A 249 -5.07 20.18 11.41
N PRO A 250 -5.41 21.42 11.05
CA PRO A 250 -6.49 21.87 10.17
C PRO A 250 -6.17 21.89 8.67
N ASP A 251 -4.89 21.80 8.32
CA ASP A 251 -4.45 21.87 6.91
C ASP A 251 -4.98 20.79 5.98
N TYR A 252 -5.27 19.61 6.51
CA TYR A 252 -5.75 18.52 5.70
C TYR A 252 -6.98 17.94 6.32
N ARG A 253 -7.85 17.41 5.49
CA ARG A 253 -9.07 16.77 5.93
C ARG A 253 -8.95 15.32 5.52
N VAL A 254 -8.99 14.39 6.47
CA VAL A 254 -8.93 12.98 6.20
C VAL A 254 -10.37 12.53 6.13
N HIS A 255 -10.78 11.81 5.08
CA HIS A 255 -12.16 11.35 4.92
C HIS A 255 -12.20 9.85 4.95
N ILE A 256 -13.27 9.30 5.48
CA ILE A 256 -13.42 7.86 5.54
C ILE A 256 -14.42 7.46 4.47
N ILE A 257 -14.01 6.55 3.58
CA ILE A 257 -14.88 6.05 2.53
C ILE A 257 -14.91 4.54 2.65
N SER A 258 -15.94 3.91 2.09
CA SER A 258 -16.08 2.47 2.19
C SER A 258 -16.41 1.89 0.84
N PHE A 259 -16.23 0.57 0.71
CA PHE A 259 -16.47 -0.13 -0.53
C PHE A 259 -17.15 -1.46 -0.31
N LYS A 260 -17.77 -1.98 -1.36
CA LYS A 260 -18.41 -3.29 -1.29
C LYS A 260 -17.28 -4.31 -1.44
N ASP A 261 -17.37 -5.44 -0.73
CA ASP A 261 -16.33 -6.50 -0.80
C ASP A 261 -14.96 -5.84 -0.89
N PRO A 262 -14.60 -5.04 0.11
CA PRO A 262 -13.32 -4.33 0.12
C PRO A 262 -12.09 -5.19 0.22
N ASN A 263 -10.96 -4.60 -0.14
CA ASN A 263 -9.68 -5.28 -0.04
C ASN A 263 -9.42 -5.35 1.49
N PRO A 264 -9.02 -6.54 2.00
CA PRO A 264 -8.75 -6.67 3.44
C PRO A 264 -7.78 -5.62 3.96
N MET A 265 -6.85 -5.19 3.12
CA MET A 265 -5.90 -4.18 3.54
C MET A 265 -5.36 -3.37 2.36
N HIS A 266 -5.35 -2.05 2.53
CA HIS A 266 -4.84 -1.11 1.55
C HIS A 266 -5.91 -0.73 0.56
N ILE A 267 -5.85 0.51 0.10
CA ILE A 267 -6.84 1.11 -0.79
C ILE A 267 -6.40 1.37 -2.24
N ASP A 268 -5.08 1.34 -2.48
CA ASP A 268 -4.51 1.65 -3.78
C ASP A 268 -4.75 0.73 -5.00
N ALA A 269 -5.50 -0.36 -4.78
CA ALA A 269 -5.88 -1.27 -5.85
C ALA A 269 -7.41 -1.38 -5.78
N THR A 270 -8.03 -0.34 -5.20
CA THR A 270 -9.48 -0.27 -5.06
C THR A 270 -9.97 1.11 -5.47
N PHE A 271 -9.20 2.14 -5.11
CA PHE A 271 -9.57 3.51 -5.42
C PHE A 271 -8.24 4.23 -5.63
N ASN A 272 -7.70 4.14 -6.84
CA ASN A 272 -6.41 4.78 -7.13
C ASN A 272 -6.61 6.12 -7.83
N ILE A 273 -6.28 7.21 -7.15
CA ILE A 273 -6.42 8.57 -7.68
C ILE A 273 -5.23 8.86 -8.59
N ILE A 274 -5.52 9.03 -9.89
CA ILE A 274 -4.47 9.26 -10.89
C ILE A 274 -4.32 10.66 -11.45
N GLY A 275 -5.09 11.61 -10.96
CA GLY A 275 -4.93 12.95 -11.49
C GLY A 275 -5.90 13.84 -10.79
N PRO A 276 -5.84 15.15 -11.03
CA PRO A 276 -6.72 16.15 -10.42
C PRO A 276 -8.17 15.87 -10.79
N GLY A 277 -8.84 15.02 -10.03
CA GLY A 277 -10.24 14.73 -10.31
C GLY A 277 -10.50 13.48 -11.11
N ILE A 278 -9.51 12.60 -11.22
CA ILE A 278 -9.68 11.36 -11.97
C ILE A 278 -9.35 10.24 -11.03
N VAL A 279 -10.19 9.22 -11.01
CA VAL A 279 -9.94 8.10 -10.14
C VAL A 279 -10.32 6.77 -10.82
N LEU A 280 -9.53 5.76 -10.51
CA LEU A 280 -9.73 4.40 -11.02
C LEU A 280 -10.50 3.68 -9.90
N SER A 281 -11.74 3.33 -10.19
CA SER A 281 -12.59 2.63 -9.25
C SER A 281 -12.72 1.19 -9.68
N ASN A 282 -12.18 0.30 -8.87
CA ASN A 282 -12.20 -1.14 -9.12
C ASN A 282 -13.64 -1.61 -9.25
N PRO A 283 -14.03 -2.13 -10.42
CA PRO A 283 -15.41 -2.61 -10.65
C PRO A 283 -15.98 -3.60 -9.61
N ASP A 284 -15.12 -4.42 -9.03
CA ASP A 284 -15.58 -5.39 -8.03
C ASP A 284 -15.75 -4.83 -6.58
N ARG A 285 -15.19 -3.65 -6.32
CA ARG A 285 -15.26 -3.02 -5.01
C ARG A 285 -15.81 -1.62 -5.13
N PRO A 286 -17.08 -1.50 -5.52
CA PRO A 286 -17.68 -0.17 -5.66
C PRO A 286 -17.72 0.65 -4.35
N CYS A 287 -17.42 1.94 -4.46
CA CYS A 287 -17.39 2.86 -3.32
C CYS A 287 -18.78 3.32 -2.91
N HIS A 288 -19.11 3.11 -1.64
CA HIS A 288 -20.41 3.49 -1.11
C HIS A 288 -20.68 4.98 -1.19
N GLN A 289 -19.62 5.77 -1.25
CA GLN A 289 -19.76 7.22 -1.29
C GLN A 289 -19.40 7.74 -2.66
N ILE A 290 -19.60 6.94 -3.70
CA ILE A 290 -19.24 7.39 -5.04
C ILE A 290 -19.91 8.72 -5.46
N ASP A 291 -21.12 8.96 -4.97
CA ASP A 291 -21.86 10.17 -5.32
C ASP A 291 -21.22 11.47 -4.87
N LEU A 292 -20.46 11.41 -3.78
CA LEU A 292 -19.77 12.58 -3.28
C LEU A 292 -18.78 13.03 -4.36
N PHE A 293 -18.19 12.06 -5.05
CA PHE A 293 -17.22 12.33 -6.10
C PHE A 293 -17.87 12.79 -7.39
N LYS A 294 -19.02 12.21 -7.73
CA LYS A 294 -19.76 12.61 -8.93
C LYS A 294 -20.20 14.06 -8.77
N LYS A 295 -20.62 14.42 -7.56
CA LYS A 295 -21.03 15.78 -7.23
C LYS A 295 -19.90 16.79 -7.36
N ALA A 296 -18.67 16.34 -7.11
CA ALA A 296 -17.47 17.19 -7.22
C ALA A 296 -17.03 17.38 -8.67
N GLY A 297 -17.64 16.63 -9.60
CA GLY A 297 -17.29 16.73 -10.99
C GLY A 297 -16.06 15.89 -11.32
N TRP A 298 -15.86 14.83 -10.53
CA TRP A 298 -14.74 13.91 -10.72
C TRP A 298 -15.07 12.84 -11.75
N THR A 299 -14.06 12.45 -12.53
CA THR A 299 -14.19 11.43 -13.54
C THR A 299 -13.85 10.06 -12.95
N ILE A 300 -14.86 9.22 -12.81
CA ILE A 300 -14.67 7.88 -12.29
C ILE A 300 -14.47 6.94 -13.50
N ILE A 301 -13.27 6.37 -13.57
CA ILE A 301 -12.84 5.45 -14.61
C ILE A 301 -12.85 4.02 -14.07
N THR A 302 -13.50 3.10 -14.76
CA THR A 302 -13.50 1.72 -14.29
C THR A 302 -12.59 0.91 -15.24
N PRO A 303 -11.43 0.48 -14.74
CA PRO A 303 -10.45 -0.28 -15.51
C PRO A 303 -10.99 -1.63 -15.97
N PRO A 304 -10.42 -2.15 -17.06
CA PRO A 304 -10.85 -3.45 -17.56
C PRO A 304 -10.27 -4.54 -16.66
N THR A 305 -10.79 -5.75 -16.74
CA THR A 305 -10.33 -6.83 -15.88
C THR A 305 -8.89 -7.29 -16.11
N PRO A 306 -8.22 -7.75 -15.05
CA PRO A 306 -6.84 -8.22 -15.14
C PRO A 306 -6.75 -9.46 -15.99
N ILE A 307 -5.64 -9.61 -16.70
CA ILE A 307 -5.47 -10.80 -17.51
C ILE A 307 -4.45 -11.75 -16.88
N ILE A 308 -3.96 -11.44 -15.70
CA ILE A 308 -2.97 -12.29 -15.06
C ILE A 308 -3.54 -13.72 -14.89
N PRO A 309 -2.73 -14.75 -15.16
CA PRO A 309 -3.14 -16.15 -15.05
C PRO A 309 -3.47 -16.50 -13.62
N ASP A 310 -4.55 -17.26 -13.44
CA ASP A 310 -4.99 -17.68 -12.12
C ASP A 310 -4.04 -18.69 -11.48
N ASP A 311 -3.14 -19.24 -12.28
CA ASP A 311 -2.16 -20.18 -11.76
C ASP A 311 -0.98 -19.44 -11.13
N HIS A 312 -0.81 -18.16 -11.46
CA HIS A 312 0.30 -17.40 -10.89
C HIS A 312 0.03 -17.10 -9.42
N PRO A 313 0.99 -17.41 -8.55
CA PRO A 313 0.79 -17.15 -7.13
C PRO A 313 0.81 -15.68 -6.70
N LEU A 314 -0.21 -15.30 -5.95
CA LEU A 314 -0.32 -13.96 -5.38
C LEU A 314 -0.53 -14.25 -3.90
N TRP A 315 0.59 -14.34 -3.16
CA TRP A 315 0.53 -14.66 -1.74
C TRP A 315 -0.31 -13.71 -0.92
N MET A 316 -0.32 -12.46 -1.35
CA MET A 316 -1.11 -11.40 -0.73
C MET A 316 -1.73 -10.64 -1.88
N SER A 317 -2.69 -9.80 -1.60
CA SER A 317 -3.34 -9.00 -2.62
C SER A 317 -4.23 -9.82 -3.58
N SER A 318 -4.50 -9.28 -4.75
CA SER A 318 -5.36 -9.94 -5.71
C SER A 318 -4.94 -9.60 -7.13
N LYS A 319 -5.71 -10.09 -8.08
CA LYS A 319 -5.43 -9.86 -9.49
C LYS A 319 -5.51 -8.38 -9.85
N TRP A 320 -6.24 -7.62 -9.05
CA TRP A 320 -6.40 -6.19 -9.32
C TRP A 320 -5.17 -5.32 -9.14
N LEU A 321 -4.01 -5.95 -8.96
CA LEU A 321 -2.77 -5.21 -8.85
C LEU A 321 -2.54 -4.49 -10.17
N SER A 322 -3.26 -4.92 -11.21
CA SER A 322 -3.15 -4.28 -12.53
C SER A 322 -3.49 -2.79 -12.48
N MET A 323 -4.38 -2.41 -11.54
CA MET A 323 -4.78 -1.00 -11.40
C MET A 323 -3.97 -0.24 -10.35
N ASN A 324 -3.00 -0.92 -9.76
CA ASN A 324 -2.11 -0.33 -8.77
C ASN A 324 -0.98 0.40 -9.51
N VAL A 325 -1.35 1.33 -10.39
CA VAL A 325 -0.38 2.09 -11.20
C VAL A 325 0.32 3.21 -10.47
N LEU A 326 1.45 3.67 -11.01
CA LEU A 326 2.21 4.76 -10.42
C LEU A 326 2.26 5.89 -11.46
N MET A 327 1.88 7.11 -11.09
CA MET A 327 1.92 8.21 -12.04
C MET A 327 3.23 8.98 -11.96
N LEU A 328 3.98 9.04 -13.06
CA LEU A 328 5.23 9.79 -13.07
C LEU A 328 4.85 11.25 -13.16
N ASP A 329 3.68 11.48 -13.75
CA ASP A 329 3.04 12.80 -13.86
C ASP A 329 1.63 12.57 -14.35
N GLU A 330 0.89 13.62 -14.67
CA GLU A 330 -0.50 13.45 -15.11
C GLU A 330 -0.70 12.68 -16.39
N LYS A 331 0.32 12.66 -17.25
CA LYS A 331 0.23 12.00 -18.54
C LYS A 331 1.20 10.85 -18.74
N ARG A 332 1.82 10.36 -17.68
CA ARG A 332 2.77 9.27 -17.80
C ARG A 332 2.47 8.33 -16.67
N VAL A 333 2.19 7.08 -17.01
CA VAL A 333 1.89 6.09 -15.98
C VAL A 333 2.80 4.88 -16.14
N MET A 334 3.25 4.31 -15.02
CA MET A 334 4.06 3.12 -15.06
C MET A 334 3.04 1.99 -14.84
N VAL A 335 2.77 1.22 -15.88
CA VAL A 335 1.74 0.17 -15.85
C VAL A 335 2.40 -1.18 -16.20
N ASP A 336 1.78 -2.28 -15.78
CA ASP A 336 2.34 -3.61 -16.03
C ASP A 336 2.41 -3.93 -17.52
N ALA A 337 3.58 -4.41 -17.96
CA ALA A 337 3.81 -4.78 -19.35
C ALA A 337 2.86 -5.86 -19.86
N ASN A 338 2.40 -6.73 -18.97
CA ASN A 338 1.51 -7.80 -19.39
C ASN A 338 0.06 -7.37 -19.53
N GLU A 339 -0.36 -6.39 -18.76
CA GLU A 339 -1.76 -5.97 -18.75
C GLU A 339 -2.16 -5.07 -19.91
N VAL A 340 -2.24 -5.66 -21.10
CA VAL A 340 -2.56 -4.90 -22.30
C VAL A 340 -3.89 -4.15 -22.30
N PRO A 341 -4.96 -4.76 -21.79
CA PRO A 341 -6.24 -4.06 -21.79
C PRO A 341 -6.21 -2.73 -21.04
N ILE A 342 -5.59 -2.68 -19.86
CA ILE A 342 -5.53 -1.40 -19.12
C ILE A 342 -4.54 -0.44 -19.77
N GLN A 343 -3.60 -0.98 -20.56
CA GLN A 343 -2.64 -0.13 -21.29
C GLN A 343 -3.41 0.68 -22.32
N LYS A 344 -4.31 0.02 -23.03
CA LYS A 344 -5.13 0.66 -24.05
C LYS A 344 -6.00 1.73 -23.47
N MET A 345 -6.62 1.45 -22.33
CA MET A 345 -7.47 2.42 -21.67
C MET A 345 -6.70 3.71 -21.42
N PHE A 346 -5.49 3.59 -20.87
CA PHE A 346 -4.71 4.80 -20.61
C PHE A 346 -4.39 5.49 -21.91
N GLU A 347 -4.06 4.69 -22.92
CA GLU A 347 -3.72 5.22 -24.22
C GLU A 347 -4.85 5.99 -24.90
N LYS A 348 -6.09 5.53 -24.75
CA LYS A 348 -7.21 6.26 -25.34
C LYS A 348 -7.46 7.56 -24.58
N LEU A 349 -7.01 7.60 -23.33
CA LEU A 349 -7.12 8.79 -22.49
C LEU A 349 -5.98 9.79 -22.73
N GLY A 350 -4.99 9.41 -23.53
CA GLY A 350 -3.89 10.32 -23.80
C GLY A 350 -2.76 10.27 -22.81
N ILE A 351 -2.67 9.16 -22.08
CA ILE A 351 -1.62 9.01 -21.09
C ILE A 351 -0.60 8.01 -21.61
N THR A 352 0.65 8.45 -21.63
CA THR A 352 1.75 7.64 -22.09
C THR A 352 2.02 6.47 -21.14
N THR A 353 1.97 5.24 -21.65
CA THR A 353 2.23 4.08 -20.82
C THR A 353 3.70 3.68 -20.81
N ILE A 354 4.25 3.47 -19.61
CA ILE A 354 5.62 3.03 -19.46
C ILE A 354 5.48 1.63 -18.92
N LYS A 355 5.56 0.67 -19.83
CA LYS A 355 5.37 -0.72 -19.48
C LYS A 355 6.58 -1.38 -18.85
N VAL A 356 6.37 -1.94 -17.67
CA VAL A 356 7.43 -2.64 -16.98
C VAL A 356 6.82 -3.94 -16.50
N ASN A 357 7.56 -5.03 -16.59
CA ASN A 357 7.03 -6.31 -16.14
C ASN A 357 7.50 -6.61 -14.72
N ILE A 358 6.55 -6.83 -13.82
CA ILE A 358 6.87 -7.15 -12.41
C ILE A 358 5.98 -8.27 -11.93
N ARG A 359 5.71 -9.19 -12.85
CA ARG A 359 4.87 -10.34 -12.60
C ARG A 359 5.30 -11.16 -11.38
N ASN A 360 6.60 -11.32 -11.14
CA ASN A 360 7.01 -12.10 -9.96
C ASN A 360 7.02 -11.29 -8.68
N ALA A 361 7.26 -9.99 -8.83
CA ALA A 361 7.26 -9.05 -7.72
C ALA A 361 5.82 -8.96 -7.20
N ASN A 362 4.85 -9.07 -8.09
CA ASN A 362 3.43 -9.04 -7.74
C ASN A 362 3.07 -10.07 -6.65
N SER A 363 3.72 -11.23 -6.70
CA SER A 363 3.43 -12.30 -5.75
C SER A 363 3.60 -11.89 -4.29
N LEU A 364 4.50 -10.94 -4.04
CA LEU A 364 4.77 -10.43 -2.70
C LEU A 364 3.64 -9.56 -2.14
N GLY A 365 2.74 -9.09 -3.00
CA GLY A 365 1.62 -8.31 -2.54
C GLY A 365 1.43 -6.94 -3.15
N GLY A 366 2.24 -6.56 -4.11
CA GLY A 366 2.05 -5.23 -4.64
C GLY A 366 2.42 -4.96 -6.08
N GLY A 367 1.97 -3.79 -6.56
CA GLY A 367 2.24 -3.35 -7.91
C GLY A 367 3.12 -2.14 -7.82
N PHE A 368 3.07 -1.26 -8.80
CA PHE A 368 3.92 -0.08 -8.78
C PHE A 368 3.69 0.90 -7.64
N HIS A 369 2.44 1.14 -7.28
CA HIS A 369 2.13 2.08 -6.20
C HIS A 369 2.57 1.50 -4.85
N CYS A 370 2.41 0.20 -4.67
CA CYS A 370 2.81 -0.47 -3.45
C CYS A 370 4.32 -0.54 -3.25
N TRP A 371 5.05 -0.82 -4.33
CA TRP A 371 6.51 -0.95 -4.30
C TRP A 371 7.25 0.37 -4.19
N THR A 372 6.53 1.47 -4.10
CA THR A 372 7.16 2.78 -4.03
C THR A 372 6.53 3.70 -2.98
N CYS A 373 7.23 4.79 -2.73
CA CYS A 373 6.78 5.88 -1.87
C CYS A 373 7.34 7.14 -2.52
N ASP A 374 6.45 7.96 -3.07
CA ASP A 374 6.87 9.18 -3.71
C ASP A 374 7.28 10.19 -2.64
N VAL A 375 8.57 10.51 -2.61
CA VAL A 375 9.13 11.44 -1.64
C VAL A 375 9.01 12.90 -2.10
N ARG A 376 9.18 13.12 -3.41
CA ARG A 376 9.09 14.46 -3.96
C ARG A 376 8.42 14.51 -5.32
N ARG A 377 7.40 15.36 -5.44
CA ARG A 377 6.64 15.59 -6.68
C ARG A 377 6.61 17.09 -6.82
N ARG A 378 6.93 17.59 -8.00
CA ARG A 378 6.95 19.01 -8.23
C ARG A 378 5.53 19.58 -8.27
N GLY A 379 5.16 20.38 -7.26
CA GLY A 379 3.82 20.95 -7.23
C GLY A 379 3.46 21.64 -5.92
N THR A 380 2.20 22.07 -5.80
CA THR A 380 1.73 22.77 -4.60
C THR A 380 0.49 22.13 -3.96
N LEU A 381 0.15 22.57 -2.74
CA LEU A 381 -1.01 22.07 -2.02
C LEU A 381 -2.27 22.71 -2.60
N GLN A 382 -3.24 21.91 -2.97
CA GLN A 382 -4.47 22.42 -3.56
C GLN A 382 -5.66 21.57 -3.17
N SER A 383 -6.84 22.05 -3.49
CA SER A 383 -8.06 21.29 -3.24
C SER A 383 -8.59 20.90 -4.61
N TYR A 384 -9.18 19.72 -4.70
CA TYR A 384 -9.70 19.23 -5.96
C TYR A 384 -11.13 18.77 -5.73
N LEU A 385 -11.60 18.98 -4.51
CA LEU A 385 -12.96 18.58 -4.17
C LEU A 385 -13.77 19.87 -4.16
N ASP A 386 -13.12 20.94 -4.61
CA ASP A 386 -13.67 22.29 -4.71
C ASP A 386 -13.62 23.04 -3.38
#